data_4TS6
#
_entry.id   4TS6
#
_cell.length_a   32.080
_cell.length_b   38.700
_cell.length_c   131.370
_cell.angle_alpha   90.000
_cell.angle_beta   90.000
_cell.angle_gamma   90.000
#
_symmetry.space_group_name_H-M   'P 21 21 21'
#
loop_
_entity.id
_entity.type
_entity.pdbx_description
1 polymer 'Rab3 interacting molecule variant 2'
2 non-polymer GLYCEROL
3 water water
#
_entity_poly.entity_id   1
_entity_poly.type   'polypeptide(L)'
_entity_poly.pdbx_seq_one_letter_code
;GPLGSIPIEGRLQLKLGYDQNTLQLIVTLVCATGLSLRQSGAGRNPYAKVFLLPDRSHKSKRRTKTVGTTCEPRWGQTFV
YSGLRRCDLNGRLLEVTLWDYVRYGANDFIGEVVIDLAHHILDDEAEWYQLQ
;
_entity_poly.pdbx_strand_id   A
#
loop_
_chem_comp.id
_chem_comp.type
_chem_comp.name
_chem_comp.formula
GOL non-polymer GLYCEROL 'C3 H8 O3'
#
# COMPACT_ATOMS: atom_id res chain seq x y z
N PRO A 7 -18.16 2.26 6.21
CA PRO A 7 -17.54 1.63 7.38
C PRO A 7 -16.30 0.79 7.02
N ILE A 8 -15.12 1.41 7.08
CA ILE A 8 -13.88 0.72 6.73
C ILE A 8 -13.33 -0.10 7.91
N GLU A 9 -12.94 -1.35 7.62
CA GLU A 9 -12.37 -2.25 8.62
C GLU A 9 -11.23 -3.09 8.05
N GLY A 10 -10.34 -3.55 8.91
CA GLY A 10 -9.17 -4.29 8.45
C GLY A 10 -7.88 -3.50 8.60
N ARG A 11 -6.75 -4.17 8.43
CA ARG A 11 -5.45 -3.54 8.61
C ARG A 11 -4.44 -4.15 7.65
N LEU A 12 -3.36 -3.41 7.43
CA LEU A 12 -2.38 -3.73 6.42
C LEU A 12 -1.02 -3.87 7.09
N GLN A 13 -0.20 -4.81 6.64
CA GLN A 13 1.14 -4.99 7.22
C GLN A 13 2.16 -4.52 6.18
N LEU A 14 2.95 -3.51 6.54
CA LEU A 14 3.89 -2.87 5.60
C LEU A 14 5.28 -2.85 6.20
N LYS A 15 6.30 -2.95 5.36
CA LYS A 15 7.68 -2.68 5.79
C LYS A 15 8.20 -1.52 4.96
N LEU A 16 8.80 -0.53 5.61
CA LEU A 16 9.37 0.60 4.90
C LEU A 16 10.84 0.72 5.27
N GLY A 17 11.71 0.71 4.25
CA GLY A 17 13.13 0.89 4.48
C GLY A 17 13.66 2.01 3.61
N TYR A 18 14.74 2.65 4.05
CA TYR A 18 15.41 3.59 3.16
C TYR A 18 16.89 3.24 3.09
N ASP A 19 17.41 3.06 1.89
CA ASP A 19 18.82 2.75 1.72
C ASP A 19 19.62 3.93 1.14
N GLN A 20 20.44 4.55 1.98
CA GLN A 20 21.20 5.72 1.55
C GLN A 20 22.25 5.38 0.50
N ASN A 21 22.62 4.10 0.41
CA ASN A 21 23.68 3.71 -0.51
C ASN A 21 23.20 3.61 -1.95
N THR A 22 21.89 3.52 -2.14
CA THR A 22 21.32 3.45 -3.48
C THR A 22 20.27 4.53 -3.72
N LEU A 23 20.04 5.38 -2.71
CA LEU A 23 19.02 6.44 -2.76
C LEU A 23 17.64 5.88 -3.07
N GLN A 24 17.24 4.83 -2.36
CA GLN A 24 15.98 4.17 -2.65
C GLN A 24 15.11 4.07 -1.42
N LEU A 25 13.83 4.38 -1.60
CA LEU A 25 12.83 4.08 -0.57
C LEU A 25 12.31 2.70 -0.93
N ILE A 26 12.33 1.78 0.03
CA ILE A 26 11.88 0.41 -0.25
C ILE A 26 10.59 0.11 0.51
N VAL A 27 9.56 -0.32 -0.21
CA VAL A 27 8.22 -0.50 0.34
C VAL A 27 7.78 -1.94 0.11
N THR A 28 7.48 -2.65 1.19
CA THR A 28 6.98 -4.03 1.05
C THR A 28 5.57 -4.13 1.62
N LEU A 29 4.61 -4.53 0.78
CA LEU A 29 3.28 -4.85 1.24
C LEU A 29 3.22 -6.34 1.52
N VAL A 30 3.18 -6.70 2.79
CA VAL A 30 3.24 -8.11 3.16
C VAL A 30 1.88 -8.74 2.95
N CYS A 31 0.89 -8.22 3.67
CA CYS A 31 -0.45 -8.79 3.63
C CYS A 31 -1.42 -7.81 4.23
N ALA A 32 -2.70 -8.17 4.20
CA ALA A 32 -3.74 -7.41 4.88
C ALA A 32 -4.61 -8.43 5.56
N THR A 33 -5.31 -8.03 6.61
CA THR A 33 -6.12 -8.97 7.37
C THR A 33 -7.39 -8.29 7.85
N GLY A 34 -8.45 -9.07 8.10
CA GLY A 34 -9.66 -8.54 8.71
C GLY A 34 -10.53 -7.70 7.80
N LEU A 35 -10.35 -7.83 6.49
CA LEU A 35 -11.19 -7.11 5.55
C LEU A 35 -12.63 -7.60 5.65
N SER A 36 -13.58 -6.73 5.35
CA SER A 36 -14.99 -7.11 5.36
C SER A 36 -15.29 -7.96 4.14
N LEU A 37 -16.39 -8.71 4.21
CA LEU A 37 -16.96 -9.32 3.02
C LEU A 37 -17.71 -8.25 2.24
N ARG A 38 -18.09 -8.55 1.00
CA ARG A 38 -18.99 -7.68 0.27
C ARG A 38 -20.40 -7.85 0.85
N GLN A 39 -21.29 -6.91 0.54
CA GLN A 39 -22.68 -6.98 0.98
C GLN A 39 -23.28 -8.30 0.54
N SER A 40 -22.97 -8.69 -0.69
CA SER A 40 -23.40 -9.96 -1.26
C SER A 40 -23.07 -11.11 -0.34
N GLY A 41 -21.95 -10.99 0.37
CA GLY A 41 -21.47 -12.06 1.25
C GLY A 41 -20.28 -12.72 0.60
N ALA A 42 -20.03 -12.35 -0.64
CA ALA A 42 -18.87 -12.83 -1.38
C ALA A 42 -17.62 -12.22 -0.78
N GLY A 43 -16.50 -12.91 -0.90
CA GLY A 43 -15.22 -12.38 -0.45
C GLY A 43 -14.71 -11.38 -1.45
N ARG A 44 -13.68 -10.66 -1.05
CA ARG A 44 -13.14 -9.65 -1.93
C ARG A 44 -12.00 -10.21 -2.76
N ASN A 45 -11.58 -9.44 -3.76
CA ASN A 45 -10.42 -9.76 -4.57
C ASN A 45 -9.48 -8.57 -4.50
N PRO A 46 -8.74 -8.48 -3.40
CA PRO A 46 -7.95 -7.31 -3.03
C PRO A 46 -6.63 -7.13 -3.78
N TYR A 47 -6.33 -5.91 -4.18
CA TYR A 47 -5.01 -5.51 -4.64
C TYR A 47 -4.75 -4.14 -4.09
N ALA A 48 -3.48 -3.71 -4.12
CA ALA A 48 -3.15 -2.43 -3.56
C ALA A 48 -2.48 -1.56 -4.59
N LYS A 49 -2.72 -0.26 -4.48
CA LYS A 49 -2.01 0.69 -5.31
C LYS A 49 -1.19 1.55 -4.38
N VAL A 50 0.02 1.93 -4.81
CA VAL A 50 0.87 2.76 -3.97
C VAL A 50 1.32 3.95 -4.80
N PHE A 51 1.29 5.14 -4.20
CA PHE A 51 1.82 6.34 -4.85
C PHE A 51 2.76 7.02 -3.90
N LEU A 52 3.82 7.63 -4.43
CA LEU A 52 4.65 8.49 -3.57
C LEU A 52 4.28 9.92 -3.89
N LEU A 53 3.39 10.50 -3.09
CA LEU A 53 2.81 11.81 -3.39
C LEU A 53 3.82 12.91 -3.05
N PRO A 54 3.71 14.10 -3.70
CA PRO A 54 2.66 14.62 -4.59
C PRO A 54 2.56 14.02 -6.00
N ASP A 55 3.59 13.34 -6.49
CA ASP A 55 3.55 12.82 -7.87
C ASP A 55 2.42 11.81 -8.09
N ARG A 56 1.53 12.09 -9.04
CA ARG A 56 0.43 11.15 -9.34
C ARG A 56 0.50 10.53 -10.75
N SER A 57 1.64 10.66 -11.40
CA SER A 57 1.81 10.15 -12.76
C SER A 57 2.06 8.65 -12.72
N HIS A 58 2.11 8.02 -13.88
CA HIS A 58 2.44 6.60 -13.98
C HIS A 58 3.76 6.29 -13.27
N LYS A 59 4.63 7.28 -13.19
CA LYS A 59 5.96 7.15 -12.63
C LYS A 59 5.95 6.79 -11.14
N SER A 60 4.95 7.31 -10.43
N SER A 60 4.97 7.30 -10.41
CA SER A 60 4.84 7.14 -8.99
CA SER A 60 4.91 7.07 -8.98
C SER A 60 4.00 5.90 -8.64
C SER A 60 4.02 5.86 -8.64
N LYS A 61 3.18 5.48 -9.58
CA LYS A 61 2.25 4.35 -9.38
C LYS A 61 2.91 2.98 -9.27
N ARG A 62 2.50 2.21 -8.27
CA ARG A 62 2.84 0.79 -8.19
C ARG A 62 1.56 0.03 -7.89
N ARG A 63 1.50 -1.23 -8.28
CA ARG A 63 0.28 -1.99 -8.06
C ARG A 63 0.63 -3.45 -7.78
N THR A 64 0.01 -4.04 -6.76
CA THR A 64 0.28 -5.44 -6.44
C THR A 64 -0.53 -6.32 -7.36
N LYS A 65 -0.21 -7.61 -7.37
CA LYS A 65 -1.08 -8.56 -8.04
C LYS A 65 -2.40 -8.62 -7.26
N THR A 66 -3.42 -9.12 -7.92
CA THR A 66 -4.73 -9.28 -7.30
C THR A 66 -4.81 -10.68 -6.76
N VAL A 67 -5.24 -10.81 -5.51
CA VAL A 67 -5.47 -12.13 -4.90
C VAL A 67 -6.97 -12.45 -4.91
N GLY A 68 -7.33 -13.66 -5.32
CA GLY A 68 -8.73 -14.01 -5.48
C GLY A 68 -9.47 -14.37 -4.20
N THR A 69 -10.71 -13.90 -4.10
CA THR A 69 -11.70 -14.31 -3.08
C THR A 69 -11.13 -14.56 -1.67
N THR A 70 -10.84 -13.49 -0.95
CA THR A 70 -10.22 -13.63 0.37
C THR A 70 -10.34 -12.34 1.20
N CYS A 71 -10.42 -12.49 2.52
CA CYS A 71 -10.38 -11.31 3.39
C CYS A 71 -9.00 -11.16 4.04
N GLU A 72 -8.09 -12.07 3.68
CA GLU A 72 -6.73 -12.06 4.22
C GLU A 72 -5.70 -12.17 3.09
N PRO A 73 -5.65 -11.17 2.20
CA PRO A 73 -4.73 -11.28 1.07
C PRO A 73 -3.26 -11.23 1.49
N ARG A 74 -2.42 -12.05 0.88
CA ARG A 74 -0.98 -11.95 1.08
C ARG A 74 -0.29 -11.68 -0.26
N TRP A 75 0.54 -10.65 -0.32
CA TRP A 75 1.23 -10.32 -1.57
C TRP A 75 2.74 -10.58 -1.49
N GLY A 76 3.34 -10.25 -0.35
CA GLY A 76 4.79 -10.31 -0.22
C GLY A 76 5.51 -9.52 -1.30
N GLN A 77 4.96 -8.35 -1.65
CA GLN A 77 5.41 -7.60 -2.83
C GLN A 77 6.23 -6.38 -2.45
N THR A 78 7.43 -6.26 -3.03
CA THR A 78 8.32 -5.13 -2.73
C THR A 78 8.38 -4.16 -3.90
N PHE A 79 8.28 -2.86 -3.60
CA PHE A 79 8.40 -1.83 -4.63
C PHE A 79 9.55 -0.91 -4.26
N VAL A 80 10.17 -0.31 -5.26
CA VAL A 80 11.32 0.56 -5.00
C VAL A 80 11.09 1.93 -5.64
N TYR A 81 11.37 3.00 -4.90
CA TYR A 81 11.34 4.35 -5.43
C TYR A 81 12.75 4.89 -5.42
N SER A 82 13.26 5.30 -6.57
CA SER A 82 14.67 5.66 -6.71
C SER A 82 14.91 7.17 -6.77
N GLY A 83 16.19 7.56 -6.69
CA GLY A 83 16.55 8.97 -6.83
C GLY A 83 16.13 9.85 -5.66
N LEU A 84 16.21 9.31 -4.44
CA LEU A 84 15.74 10.02 -3.26
C LEU A 84 16.78 10.09 -2.13
N ARG A 85 17.12 11.29 -1.68
CA ARG A 85 17.89 11.42 -0.43
C ARG A 85 16.87 11.26 0.68
N ARG A 86 17.32 10.87 1.87
CA ARG A 86 16.41 10.79 3.00
C ARG A 86 15.61 12.11 3.14
N CYS A 87 16.29 13.24 3.04
CA CYS A 87 15.60 14.51 3.30
C CYS A 87 14.55 14.83 2.24
N ASP A 88 14.69 14.22 1.05
CA ASP A 88 13.72 14.41 -0.02
C ASP A 88 12.37 13.79 0.32
N LEU A 89 12.35 12.96 1.35
CA LEU A 89 11.10 12.31 1.75
C LEU A 89 10.27 13.24 2.63
N ASN A 90 10.90 14.30 3.13
CA ASN A 90 10.18 15.21 4.02
C ASN A 90 9.18 15.99 3.21
N GLY A 91 7.91 15.90 3.60
CA GLY A 91 6.86 16.61 2.89
C GLY A 91 6.15 15.69 1.90
N ARG A 92 6.74 14.53 1.63
CA ARG A 92 6.06 13.55 0.79
C ARG A 92 5.23 12.56 1.60
N LEU A 93 4.28 11.92 0.93
CA LEU A 93 3.38 10.97 1.60
C LEU A 93 3.41 9.67 0.82
N LEU A 94 3.47 8.55 1.53
CA LEU A 94 3.26 7.26 0.86
C LEU A 94 1.79 6.92 1.02
N GLU A 95 1.07 6.80 -0.10
CA GLU A 95 -0.37 6.58 -0.06
C GLU A 95 -0.61 5.17 -0.59
N VAL A 96 -1.06 4.29 0.29
CA VAL A 96 -1.34 2.91 -0.09
C VAL A 96 -2.84 2.72 -0.01
N THR A 97 -3.45 2.34 -1.13
N THR A 97 -3.45 2.36 -1.13
CA THR A 97 -4.89 2.19 -1.17
CA THR A 97 -4.90 2.19 -1.15
C THR A 97 -5.26 0.76 -1.55
C THR A 97 -5.27 0.78 -1.55
N LEU A 98 -6.17 0.16 -0.79
CA LEU A 98 -6.67 -1.18 -1.10
C LEU A 98 -7.96 -1.07 -1.91
N TRP A 99 -8.07 -1.94 -2.91
CA TRP A 99 -9.18 -1.95 -3.85
C TRP A 99 -9.70 -3.37 -4.01
N ASP A 100 -10.99 -3.49 -4.28
CA ASP A 100 -11.61 -4.80 -4.43
C ASP A 100 -11.82 -4.95 -5.92
N TYR A 101 -11.10 -5.87 -6.54
CA TYR A 101 -11.23 -6.07 -7.99
C TYR A 101 -12.60 -6.63 -8.35
N VAL A 102 -13.35 -5.85 -9.14
CA VAL A 102 -14.66 -6.25 -9.63
C VAL A 102 -14.52 -6.49 -11.14
N ARG A 103 -14.80 -7.71 -11.58
CA ARG A 103 -14.43 -8.08 -12.95
C ARG A 103 -15.20 -7.28 -14.00
N TYR A 104 -16.48 -7.04 -13.75
CA TYR A 104 -17.32 -6.34 -14.74
C TYR A 104 -17.76 -4.95 -14.33
N GLY A 105 -16.97 -4.28 -13.51
CA GLY A 105 -17.30 -2.91 -13.16
C GLY A 105 -16.14 -2.23 -12.50
N ALA A 106 -16.36 -0.96 -12.13
CA ALA A 106 -15.33 -0.22 -11.42
C ALA A 106 -15.01 -0.95 -10.13
N ASN A 107 -13.74 -0.90 -9.73
CA ASN A 107 -13.29 -1.59 -8.53
C ASN A 107 -13.61 -0.74 -7.30
N ASP A 108 -13.89 -1.40 -6.18
CA ASP A 108 -14.40 -0.70 -5.00
C ASP A 108 -13.27 -0.39 -4.05
N PHE A 109 -13.29 0.83 -3.51
CA PHE A 109 -12.33 1.27 -2.52
C PHE A 109 -12.53 0.51 -1.20
N ILE A 110 -11.46 -0.06 -0.66
CA ILE A 110 -11.58 -0.79 0.60
C ILE A 110 -11.07 0.05 1.77
N GLY A 111 -9.99 0.77 1.56
CA GLY A 111 -9.36 1.55 2.63
C GLY A 111 -7.97 1.97 2.24
N GLU A 112 -7.37 2.83 3.06
CA GLU A 112 -6.09 3.41 2.70
C GLU A 112 -5.23 3.56 3.94
N VAL A 113 -3.93 3.58 3.73
CA VAL A 113 -2.96 3.88 4.77
C VAL A 113 -2.09 4.94 4.17
N VAL A 114 -1.98 6.07 4.85
CA VAL A 114 -1.17 7.17 4.34
C VAL A 114 -0.06 7.44 5.33
N ILE A 115 1.18 7.37 4.85
CA ILE A 115 2.31 7.55 5.76
C ILE A 115 3.02 8.87 5.54
N ASP A 116 3.17 9.65 6.61
CA ASP A 116 3.93 10.91 6.58
C ASP A 116 5.41 10.56 6.76
N LEU A 117 6.14 10.47 5.65
CA LEU A 117 7.48 9.89 5.68
C LEU A 117 8.46 10.71 6.51
N ALA A 118 8.17 11.99 6.67
CA ALA A 118 9.06 12.87 7.42
C ALA A 118 9.21 12.38 8.85
N HIS A 119 8.16 11.73 9.37
CA HIS A 119 8.14 11.28 10.76
C HIS A 119 8.29 9.77 10.93
N HIS A 120 8.67 9.07 9.85
CA HIS A 120 8.90 7.62 9.93
C HIS A 120 10.39 7.26 10.05
N ILE A 121 10.69 6.17 10.76
CA ILE A 121 12.06 5.73 11.03
C ILE A 121 12.68 5.01 9.83
N LEU A 122 11.85 4.29 9.09
CA LEU A 122 12.27 3.61 7.86
C LEU A 122 13.35 2.54 8.08
N ASP A 123 13.05 1.58 8.96
CA ASP A 123 14.03 0.55 9.33
C ASP A 123 13.66 -0.85 8.83
N ASP A 124 12.72 -0.91 7.91
CA ASP A 124 12.26 -2.19 7.35
C ASP A 124 11.62 -3.13 8.37
N GLU A 125 11.17 -2.56 9.49
CA GLU A 125 10.41 -3.32 10.48
C GLU A 125 9.02 -3.49 9.90
N ALA A 126 8.45 -4.71 10.00
CA ALA A 126 7.06 -4.91 9.65
C ALA A 126 6.18 -4.22 10.69
N GLU A 127 5.21 -3.44 10.22
CA GLU A 127 4.30 -2.75 11.13
C GLU A 127 2.87 -2.88 10.63
N TRP A 128 1.90 -2.78 11.53
CA TRP A 128 0.50 -2.87 11.13
C TRP A 128 -0.20 -1.52 11.17
N TYR A 129 -0.96 -1.22 10.11
CA TYR A 129 -1.66 0.05 10.02
C TYR A 129 -3.14 -0.16 9.79
N GLN A 130 -3.94 0.56 10.56
CA GLN A 130 -5.39 0.47 10.47
C GLN A 130 -5.82 1.07 9.14
N LEU A 131 -6.65 0.37 8.37
CA LEU A 131 -7.15 0.95 7.13
C LEU A 131 -8.09 2.10 7.49
N GLN A 132 -8.01 3.20 6.75
CA GLN A 132 -8.82 4.38 7.03
C GLN A 132 -9.75 4.67 5.86
C1 GOL B . -10.39 2.26 -9.53
O1 GOL B . -11.76 2.45 -9.20
C2 GOL B . -10.31 1.07 -10.47
O2 GOL B . -9.36 1.30 -11.49
C3 GOL B . -11.70 0.93 -11.08
O3 GOL B . -11.78 -0.17 -11.93
#